data_8C2O
#
_entry.id   8C2O
#
_cell.length_a   59.515
_cell.length_b   73.899
_cell.length_c   115.563
_cell.angle_alpha   90.000
_cell.angle_beta   90.000
_cell.angle_gamma   90.000
#
_symmetry.space_group_name_H-M   'P 2 21 21'
#
loop_
_entity.id
_entity.type
_entity.pdbx_description
1 polymer 'N-acetylmuramoyl-L-alanine amidase AmiA'
2 non-polymer 'ZINC ION'
3 water water
#
_entity_poly.entity_id   1
_entity_poly.type   'polypeptide(L)'
_entity_poly.pdbx_seq_one_letter_code
;MKDELLKTSNGHSKPKAKKSGGKRVVVLDPGHGGIDTGAIGRNGSKEKHVVLAIAKNVRSILRNHGIDARLTRSGDTFIP
LYDRVEIAHKHGADLFMSIHADGFTNPKAAGASVFALSNRGASSAMAKYLSERENRADEVAGKKATDKDHLLQQVLFDLV
QTDTIKNSLTLGSHILKKIKPVHKLHSRNTEQAAFVVLKSPSVPSVLVETSFITNPEEERLLGTAAFRQKIATAIAEGVI
SYFHWFDNQKAHSKKRLEHHHHHH
;
_entity_poly.pdbx_strand_id   A,B
#
# COMPACT_ATOMS: atom_id res chain seq x y z
N GLY A 22 37.27 1.65 20.74
CA GLY A 22 35.80 1.75 20.62
C GLY A 22 35.35 2.19 19.23
N LYS A 23 35.73 1.39 18.21
CA LYS A 23 35.31 1.57 16.82
C LYS A 23 33.84 1.16 16.67
N ARG A 24 33.11 1.87 15.81
CA ARG A 24 31.74 1.53 15.50
C ARG A 24 31.70 0.29 14.60
N VAL A 25 30.78 -0.64 14.91
CA VAL A 25 30.54 -1.78 14.06
C VAL A 25 29.20 -1.65 13.35
N VAL A 26 29.22 -1.73 12.03
CA VAL A 26 28.01 -1.64 11.23
C VAL A 26 27.90 -2.92 10.44
N VAL A 27 26.74 -3.60 10.52
CA VAL A 27 26.59 -4.84 9.77
C VAL A 27 25.62 -4.59 8.63
N LEU A 28 26.09 -4.87 7.42
CA LEU A 28 25.38 -4.64 6.18
C LEU A 28 24.92 -5.98 5.66
N ASP A 29 23.63 -6.11 5.38
CA ASP A 29 23.06 -7.33 4.91
C ASP A 29 22.62 -7.13 3.47
N PRO A 30 23.37 -7.63 2.48
CA PRO A 30 22.91 -7.63 1.11
C PRO A 30 21.82 -8.68 0.97
N GLY A 31 20.61 -8.22 0.65
CA GLY A 31 19.44 -9.07 0.68
C GLY A 31 19.56 -10.18 -0.35
N HIS A 32 18.84 -11.28 -0.10
CA HIS A 32 18.80 -12.39 -1.02
C HIS A 32 20.20 -13.00 -1.15
N GLY A 33 20.38 -13.82 -2.18
CA GLY A 33 21.62 -14.54 -2.36
C GLY A 33 21.38 -16.00 -2.73
N GLY A 34 22.25 -16.52 -3.60
CA GLY A 34 22.19 -17.92 -4.01
C GLY A 34 20.90 -18.21 -4.76
N ILE A 35 20.15 -19.22 -4.27
CA ILE A 35 18.95 -19.66 -4.96
C ILE A 35 17.88 -18.56 -4.89
N ASP A 36 17.98 -17.64 -3.91
CA ASP A 36 17.07 -16.50 -3.83
C ASP A 36 17.62 -15.35 -4.65
N THR A 37 17.10 -15.19 -5.87
CA THR A 37 17.48 -14.12 -6.77
C THR A 37 17.02 -12.75 -6.27
N GLY A 38 16.09 -12.70 -5.31
CA GLY A 38 15.28 -11.52 -5.09
C GLY A 38 14.38 -11.21 -6.28
N ALA A 39 13.91 -9.96 -6.37
CA ALA A 39 13.10 -9.54 -7.50
C ALA A 39 13.93 -9.59 -8.77
N ILE A 40 13.28 -9.91 -9.90
CA ILE A 40 13.87 -9.81 -11.22
C ILE A 40 13.23 -8.67 -12.01
N GLY A 41 14.05 -7.84 -12.68
CA GLY A 41 13.52 -6.72 -13.46
C GLY A 41 12.94 -7.21 -14.77
N ARG A 42 12.23 -6.30 -15.46
CA ARG A 42 11.63 -6.61 -16.74
C ARG A 42 12.68 -7.13 -17.70
N ASN A 43 13.91 -6.58 -17.64
CA ASN A 43 14.96 -6.98 -18.55
C ASN A 43 15.95 -7.92 -17.88
N GLY A 44 15.53 -8.65 -16.84
CA GLY A 44 16.33 -9.80 -16.39
C GLY A 44 17.32 -9.55 -15.25
N SER A 45 17.55 -8.31 -14.82
CA SER A 45 18.47 -8.03 -13.72
C SER A 45 17.95 -8.69 -12.44
N LYS A 46 18.85 -9.19 -11.59
CA LYS A 46 18.52 -9.82 -10.32
C LYS A 46 18.88 -8.89 -9.18
N GLU A 47 17.92 -8.67 -8.29
CA GLU A 47 18.13 -7.89 -7.08
C GLU A 47 19.41 -8.31 -6.36
N LYS A 48 19.65 -9.63 -6.22
CA LYS A 48 20.70 -10.13 -5.34
C LYS A 48 22.09 -9.67 -5.80
N HIS A 49 22.28 -9.50 -7.12
CA HIS A 49 23.59 -9.10 -7.68
C HIS A 49 23.84 -7.61 -7.48
N VAL A 50 22.79 -6.85 -7.71
CA VAL A 50 22.76 -5.42 -7.58
C VAL A 50 23.04 -5.01 -6.13
N VAL A 51 22.40 -5.65 -5.17
CA VAL A 51 22.48 -5.21 -3.79
C VAL A 51 23.80 -5.65 -3.17
N LEU A 52 24.41 -6.73 -3.69
CA LEU A 52 25.75 -7.09 -3.24
C LEU A 52 26.74 -6.02 -3.68
N ALA A 53 26.61 -5.54 -4.92
CA ALA A 53 27.49 -4.50 -5.45
C ALA A 53 27.37 -3.23 -4.61
N ILE A 54 26.13 -2.83 -4.32
CA ILE A 54 25.90 -1.61 -3.55
C ILE A 54 26.41 -1.78 -2.12
N ALA A 55 26.09 -2.91 -1.50
CA ALA A 55 26.56 -3.21 -0.15
C ALA A 55 28.09 -3.15 -0.05
N LYS A 56 28.81 -3.77 -1.00
CA LYS A 56 30.26 -3.72 -0.96
C LYS A 56 30.75 -2.28 -1.05
N ASN A 57 30.14 -1.46 -1.90
CA ASN A 57 30.51 -0.07 -2.05
C ASN A 57 30.32 0.66 -0.71
N VAL A 58 29.17 0.47 -0.06
CA VAL A 58 28.92 1.08 1.23
C VAL A 58 29.99 0.67 2.25
N ARG A 59 30.34 -0.62 2.29
CA ARG A 59 31.34 -1.12 3.22
C ARG A 59 32.64 -0.35 3.06
N SER A 60 33.12 -0.23 1.81
CA SER A 60 34.38 0.45 1.51
C SER A 60 34.37 1.88 2.01
N ILE A 61 33.31 2.62 1.70
CA ILE A 61 33.22 4.00 2.11
C ILE A 61 33.24 4.07 3.63
N LEU A 62 32.48 3.22 4.32
CA LEU A 62 32.45 3.28 5.78
C LEU A 62 33.82 2.92 6.36
N ARG A 63 34.54 1.99 5.75
CA ARG A 63 35.83 1.60 6.29
C ARG A 63 36.86 2.72 6.04
N ASN A 64 36.77 3.37 4.88
CA ASN A 64 37.62 4.52 4.57
C ASN A 64 37.44 5.62 5.62
N HIS A 65 36.29 5.65 6.29
CA HIS A 65 36.00 6.64 7.33
C HIS A 65 36.07 6.06 8.74
N GLY A 66 36.69 4.89 8.91
CA GLY A 66 37.05 4.43 10.24
C GLY A 66 35.93 3.70 10.96
N ILE A 67 34.93 3.21 10.21
CA ILE A 67 33.87 2.39 10.77
C ILE A 67 34.11 0.94 10.38
N ASP A 68 34.05 0.05 11.37
CA ASP A 68 34.23 -1.38 11.10
C ASP A 68 32.92 -1.93 10.53
N ALA A 69 32.83 -1.94 9.21
CA ALA A 69 31.66 -2.37 8.47
C ALA A 69 31.85 -3.80 7.96
N ARG A 70 30.86 -4.67 8.17
CA ARG A 70 30.96 -6.06 7.79
C ARG A 70 29.71 -6.49 7.04
N LEU A 71 29.86 -7.42 6.09
CA LEU A 71 28.79 -8.04 5.34
C LEU A 71 28.33 -9.35 5.96
N THR A 72 27.01 -9.59 5.87
CA THR A 72 26.44 -10.88 6.21
C THR A 72 26.83 -11.91 5.16
N ARG A 73 27.13 -11.46 3.93
CA ARG A 73 27.67 -12.33 2.90
C ARG A 73 28.49 -11.48 1.95
N SER A 74 29.62 -12.03 1.50
CA SER A 74 30.50 -11.36 0.58
C SER A 74 30.44 -12.04 -0.77
N GLY A 75 29.66 -13.14 -0.90
CA GLY A 75 29.44 -13.74 -2.21
C GLY A 75 27.99 -14.15 -2.43
N ASP A 76 27.76 -14.99 -3.43
CA ASP A 76 26.41 -15.30 -3.84
C ASP A 76 25.89 -16.50 -3.06
N THR A 77 25.52 -16.24 -1.80
CA THR A 77 25.12 -17.29 -0.87
C THR A 77 23.71 -17.04 -0.33
N PHE A 78 22.90 -18.09 -0.19
CA PHE A 78 21.63 -17.98 0.48
C PHE A 78 21.82 -17.90 1.99
N ILE A 79 21.06 -17.01 2.65
CA ILE A 79 21.09 -16.94 4.09
C ILE A 79 19.66 -16.81 4.61
N PRO A 80 19.23 -17.68 5.54
CA PRO A 80 17.94 -17.52 6.21
C PRO A 80 17.86 -16.21 6.98
N LEU A 81 16.65 -15.65 7.03
CA LEU A 81 16.47 -14.30 7.52
C LEU A 81 16.96 -14.16 8.95
N TYR A 82 16.69 -15.15 9.82
CA TYR A 82 17.13 -15.09 11.22
C TYR A 82 18.63 -15.07 11.34
N ASP A 83 19.33 -15.76 10.43
CA ASP A 83 20.79 -15.87 10.48
C ASP A 83 21.46 -14.55 10.17
N ARG A 84 20.81 -13.72 9.34
CA ARG A 84 21.31 -12.39 9.05
C ARG A 84 21.36 -11.55 10.31
N VAL A 85 20.26 -11.58 11.09
CA VAL A 85 20.18 -10.90 12.35
C VAL A 85 21.11 -11.56 13.37
N GLU A 86 21.23 -12.90 13.38
CA GLU A 86 22.17 -13.54 14.29
C GLU A 86 23.59 -13.03 14.05
N ILE A 87 23.94 -12.80 12.77
CA ILE A 87 25.28 -12.30 12.45
C ILE A 87 25.46 -10.91 13.02
N ALA A 88 24.44 -10.06 12.98
CA ALA A 88 24.55 -8.75 13.60
C ALA A 88 24.86 -8.86 15.09
N HIS A 89 24.13 -9.76 15.76
CA HIS A 89 24.31 -9.98 17.18
C HIS A 89 25.71 -10.48 17.50
N LYS A 90 26.20 -11.47 16.74
CA LYS A 90 27.52 -12.07 17.01
C LYS A 90 28.63 -11.03 16.91
N HIS A 91 28.52 -10.09 15.97
CA HIS A 91 29.58 -9.13 15.72
C HIS A 91 29.47 -7.94 16.66
N GLY A 92 28.42 -7.87 17.47
CA GLY A 92 28.26 -6.77 18.42
C GLY A 92 27.92 -5.43 17.73
N ALA A 93 27.07 -5.47 16.72
CA ALA A 93 26.80 -4.34 15.85
C ALA A 93 26.19 -3.16 16.61
N ASP A 94 26.61 -1.97 16.22
CA ASP A 94 26.03 -0.73 16.68
C ASP A 94 24.84 -0.38 15.80
N LEU A 95 24.82 -1.00 14.62
CA LEU A 95 23.86 -0.63 13.59
C LEU A 95 23.76 -1.77 12.58
N PHE A 96 22.55 -2.07 12.10
CA PHE A 96 22.32 -3.15 11.13
C PHE A 96 21.46 -2.62 10.00
N MET A 97 21.84 -2.93 8.76
CA MET A 97 21.16 -2.36 7.62
C MET A 97 21.06 -3.40 6.51
N SER A 98 19.80 -3.76 6.13
CA SER A 98 19.55 -4.62 5.01
C SER A 98 19.34 -3.78 3.74
N ILE A 99 19.95 -4.18 2.63
CA ILE A 99 19.95 -3.42 1.40
C ILE A 99 19.29 -4.27 0.31
N HIS A 100 18.21 -3.70 -0.26
CA HIS A 100 17.35 -4.40 -1.17
C HIS A 100 17.11 -3.51 -2.38
N ALA A 101 16.39 -4.08 -3.33
CA ALA A 101 15.93 -3.41 -4.54
C ALA A 101 14.82 -4.28 -5.09
N ASP A 102 13.71 -4.32 -4.35
CA ASP A 102 12.72 -5.35 -4.56
C ASP A 102 11.65 -4.88 -5.56
N GLY A 103 10.52 -5.61 -5.59
CA GLY A 103 9.59 -5.45 -6.69
C GLY A 103 8.17 -5.12 -6.22
N PHE A 104 7.45 -4.47 -7.13
CA PHE A 104 6.00 -4.40 -7.10
C PHE A 104 5.44 -4.97 -8.40
N THR A 105 4.18 -5.41 -8.35
CA THR A 105 3.49 -6.07 -9.46
C THR A 105 3.15 -5.08 -10.58
N ASN A 106 3.23 -3.78 -10.29
CA ASN A 106 3.07 -2.77 -11.33
C ASN A 106 4.42 -2.12 -11.64
N PRO A 107 4.88 -2.19 -12.91
CA PRO A 107 6.10 -1.49 -13.33
C PRO A 107 6.25 0.00 -13.02
N LYS A 108 5.24 0.68 -12.50
CA LYS A 108 5.32 2.14 -12.38
C LYS A 108 5.78 2.53 -10.97
N ALA A 109 5.61 1.62 -10.02
CA ALA A 109 6.13 1.89 -8.68
C ALA A 109 7.64 2.14 -8.76
N ALA A 110 8.09 3.17 -8.07
CA ALA A 110 9.42 3.71 -8.23
C ALA A 110 9.82 4.55 -7.01
N GLY A 111 11.14 4.75 -6.90
CA GLY A 111 11.76 5.47 -5.83
C GLY A 111 12.27 4.58 -4.70
N ALA A 112 13.14 5.17 -3.87
CA ALA A 112 13.83 4.55 -2.76
C ALA A 112 13.00 4.72 -1.49
N SER A 113 13.19 3.77 -0.53
CA SER A 113 12.48 3.72 0.73
C SER A 113 13.44 3.31 1.82
N VAL A 114 13.15 3.72 3.06
CA VAL A 114 13.78 3.14 4.21
C VAL A 114 12.68 2.78 5.19
N PHE A 115 12.84 1.62 5.86
CA PHE A 115 11.85 1.04 6.75
C PHE A 115 12.50 0.70 8.08
N ALA A 116 11.78 0.96 9.17
CA ALA A 116 12.08 0.50 10.51
C ALA A 116 10.93 -0.40 10.95
N LEU A 117 11.10 -1.12 12.06
CA LEU A 117 10.09 -2.03 12.59
C LEU A 117 8.85 -1.28 13.07
N SER A 118 7.69 -1.92 12.85
CA SER A 118 6.50 -1.74 13.66
C SER A 118 5.91 -3.12 13.93
N ASN A 119 5.60 -3.40 15.20
CA ASN A 119 4.93 -4.64 15.59
C ASN A 119 3.42 -4.39 15.73
N ARG A 120 3.02 -3.12 15.63
CA ARG A 120 1.63 -2.69 15.83
C ARG A 120 0.84 -2.75 14.53
N GLY A 121 1.49 -2.42 13.41
CA GLY A 121 0.83 -2.37 12.11
C GLY A 121 1.63 -1.52 11.12
N ALA A 122 1.59 -1.88 9.84
CA ALA A 122 2.32 -1.16 8.80
C ALA A 122 1.93 0.32 8.77
N SER A 123 2.86 1.19 8.38
CA SER A 123 2.62 2.61 8.31
C SER A 123 2.04 2.99 6.94
N SER A 124 2.32 2.18 5.91
CA SER A 124 1.84 2.44 4.56
C SER A 124 1.52 1.10 3.91
N ALA A 125 0.69 1.15 2.87
CA ALA A 125 0.32 -0.08 2.19
C ALA A 125 1.56 -0.70 1.56
N MET A 126 2.49 0.16 1.11
CA MET A 126 3.66 -0.37 0.43
C MET A 126 4.60 -1.03 1.46
N ALA A 127 4.66 -0.49 2.68
CA ALA A 127 5.42 -1.12 3.76
C ALA A 127 4.86 -2.51 4.07
N LYS A 128 3.54 -2.61 4.03
CA LYS A 128 2.93 -3.87 4.39
C LYS A 128 3.22 -4.87 3.28
N TYR A 129 3.06 -4.45 2.03
CA TYR A 129 3.33 -5.30 0.87
C TYR A 129 4.76 -5.85 0.90
N LEU A 130 5.75 -4.97 1.11
CA LEU A 130 7.16 -5.31 0.96
C LEU A 130 7.62 -6.16 2.16
N SER A 131 7.12 -5.87 3.36
CA SER A 131 7.44 -6.72 4.50
C SER A 131 7.01 -8.16 4.23
N GLU A 132 5.85 -8.36 3.62
CA GLU A 132 5.38 -9.70 3.26
C GLU A 132 6.26 -10.34 2.20
N ARG A 133 6.50 -9.61 1.11
CA ARG A 133 7.34 -10.11 0.04
C ARG A 133 8.75 -10.41 0.58
N GLU A 134 9.35 -9.49 1.36
CA GLU A 134 10.70 -9.72 1.82
C GLU A 134 10.70 -10.86 2.86
N ASN A 135 9.68 -10.93 3.70
CA ASN A 135 9.68 -11.92 4.77
C ASN A 135 9.54 -13.33 4.23
N ARG A 136 9.03 -13.50 3.00
CA ARG A 136 8.82 -14.82 2.42
C ARG A 136 10.05 -15.32 1.66
N ALA A 137 11.16 -14.58 1.71
CA ALA A 137 12.40 -15.02 1.11
C ALA A 137 12.82 -16.39 1.63
N ASP A 138 12.55 -16.67 2.90
CA ASP A 138 12.86 -17.95 3.52
C ASP A 138 12.17 -19.14 2.81
N GLU A 139 11.06 -18.87 2.10
CA GLU A 139 10.32 -19.92 1.43
C GLU A 139 11.07 -20.54 0.25
N VAL A 140 12.03 -19.82 -0.30
CA VAL A 140 12.75 -20.29 -1.46
C VAL A 140 13.46 -21.59 -1.07
N ALA A 141 13.77 -21.74 0.22
CA ALA A 141 14.48 -22.92 0.69
C ALA A 141 13.52 -24.06 1.08
N GLY A 142 12.24 -23.94 0.72
CA GLY A 142 11.23 -24.97 0.98
C GLY A 142 10.44 -24.71 2.25
N LYS A 143 11.02 -23.90 3.15
CA LYS A 143 10.55 -23.69 4.51
C LYS A 143 9.40 -22.70 4.52
N LYS A 144 8.17 -23.20 4.33
CA LYS A 144 6.95 -22.40 4.55
C LYS A 144 6.74 -22.20 6.07
N ALA A 145 6.26 -21.01 6.45
CA ALA A 145 6.19 -20.62 7.85
C ALA A 145 4.97 -21.24 8.53
N THR A 146 5.18 -21.95 9.65
CA THR A 146 4.12 -22.52 10.46
C THR A 146 3.46 -21.40 11.26
N ASP A 147 2.29 -21.67 11.84
CA ASP A 147 1.63 -20.70 12.71
C ASP A 147 2.54 -20.41 13.90
N LYS A 148 3.23 -21.46 14.39
CA LYS A 148 4.09 -21.37 15.57
C LYS A 148 5.27 -20.46 15.26
N ASP A 149 5.80 -20.52 14.03
CA ASP A 149 6.83 -19.61 13.55
C ASP A 149 6.33 -18.16 13.59
N HIS A 150 5.10 -17.95 13.09
CA HIS A 150 4.49 -16.62 13.07
C HIS A 150 4.30 -16.07 14.49
N LEU A 151 3.89 -16.94 15.43
CA LEU A 151 3.68 -16.54 16.81
C LEU A 151 5.00 -16.04 17.39
N LEU A 152 6.08 -16.78 17.12
CA LEU A 152 7.39 -16.45 17.64
C LEU A 152 7.87 -15.14 17.04
N GLN A 153 7.53 -14.88 15.77
CA GLN A 153 7.86 -13.59 15.19
C GLN A 153 7.20 -12.43 15.93
N GLN A 154 5.89 -12.54 16.15
CA GLN A 154 5.13 -11.44 16.73
C GLN A 154 5.65 -11.16 18.14
N VAL A 155 5.91 -12.24 18.90
CA VAL A 155 6.42 -12.14 20.26
C VAL A 155 7.74 -11.37 20.23
N LEU A 156 8.65 -11.77 19.32
CA LEU A 156 9.97 -11.17 19.18
C LEU A 156 9.91 -9.73 18.71
N PHE A 157 9.03 -9.39 17.76
CA PHE A 157 8.84 -7.98 17.39
C PHE A 157 8.33 -7.19 18.60
N ASP A 158 7.43 -7.80 19.38
CA ASP A 158 6.86 -7.11 20.52
C ASP A 158 7.93 -6.77 21.56
N LEU A 159 9.03 -7.57 21.64
CA LEU A 159 10.10 -7.34 22.64
C LEU A 159 11.13 -6.27 22.25
N VAL A 160 11.11 -5.77 21.02
CA VAL A 160 12.07 -4.75 20.57
C VAL A 160 11.88 -3.48 21.40
N GLN A 161 12.97 -2.88 21.90
CA GLN A 161 12.88 -1.73 22.78
C GLN A 161 12.36 -0.52 22.01
N THR A 162 11.89 0.49 22.73
CA THR A 162 11.29 1.65 22.09
C THR A 162 12.43 2.52 21.57
N ASP A 163 13.47 2.69 22.39
CA ASP A 163 14.69 3.39 21.99
C ASP A 163 15.30 2.80 20.72
N THR A 164 15.24 1.47 20.55
CA THR A 164 15.79 0.83 19.37
C THR A 164 15.05 1.33 18.15
N ILE A 165 13.70 1.31 18.21
CA ILE A 165 12.85 1.63 17.07
C ILE A 165 12.97 3.13 16.76
N LYS A 166 12.97 3.96 17.83
CA LYS A 166 13.23 5.38 17.74
C LYS A 166 14.57 5.68 17.08
N ASN A 167 15.61 4.93 17.43
CA ASN A 167 16.92 5.15 16.86
C ASN A 167 16.96 4.69 15.40
N SER A 168 16.22 3.62 15.08
CA SER A 168 16.17 3.15 13.70
C SER A 168 15.43 4.17 12.83
N LEU A 169 14.36 4.79 13.35
CA LEU A 169 13.61 5.82 12.62
C LEU A 169 14.50 7.01 12.32
N THR A 170 15.32 7.40 13.30
CA THR A 170 16.24 8.52 13.15
C THR A 170 17.30 8.13 12.12
N LEU A 171 17.86 6.94 12.26
CA LEU A 171 18.80 6.50 11.27
C LEU A 171 18.16 6.65 9.89
N GLY A 172 16.94 6.11 9.75
CA GLY A 172 16.20 6.13 8.50
C GLY A 172 16.03 7.53 7.92
N SER A 173 15.72 8.53 8.76
CA SER A 173 15.56 9.88 8.25
C SER A 173 16.91 10.46 7.84
N HIS A 174 17.99 10.04 8.49
CA HIS A 174 19.30 10.47 8.05
C HIS A 174 19.62 9.94 6.65
N ILE A 175 19.25 8.69 6.37
CA ILE A 175 19.56 8.07 5.09
C ILE A 175 18.70 8.71 4.00
N LEU A 176 17.40 8.94 4.26
CA LEU A 176 16.49 9.51 3.28
C LEU A 176 16.91 10.92 2.88
N LYS A 177 17.31 11.71 3.87
CA LYS A 177 17.86 13.04 3.65
C LYS A 177 18.99 13.01 2.62
N LYS A 178 19.84 11.98 2.65
CA LYS A 178 20.99 11.95 1.74
C LYS A 178 20.60 11.38 0.38
N ILE A 179 19.59 10.50 0.33
CA ILE A 179 19.20 9.91 -0.95
C ILE A 179 18.43 10.94 -1.75
N LYS A 180 17.67 11.79 -1.05
CA LYS A 180 16.64 12.62 -1.67
C LYS A 180 17.21 13.49 -2.80
N PRO A 181 18.32 14.24 -2.61
CA PRO A 181 18.88 15.04 -3.72
C PRO A 181 19.36 14.21 -4.91
N VAL A 182 19.44 12.89 -4.77
CA VAL A 182 20.15 12.05 -5.72
C VAL A 182 19.16 11.20 -6.49
N HIS A 183 18.08 10.77 -5.82
CA HIS A 183 17.11 9.89 -6.44
C HIS A 183 15.77 10.07 -5.76
N LYS A 184 14.73 9.94 -6.58
CA LYS A 184 13.33 9.86 -6.19
C LYS A 184 13.15 8.98 -4.93
N LEU A 185 12.40 9.52 -3.96
CA LEU A 185 11.90 8.76 -2.82
C LEU A 185 10.50 8.26 -3.10
N HIS A 186 10.26 6.98 -2.83
CA HIS A 186 8.91 6.47 -2.94
C HIS A 186 8.04 7.08 -1.84
N SER A 187 8.67 7.36 -0.70
CA SER A 187 8.01 8.05 0.39
C SER A 187 9.04 8.92 1.10
N ARG A 188 8.66 10.16 1.45
CA ARG A 188 9.51 11.13 2.13
C ARG A 188 9.83 10.75 3.58
N ASN A 189 9.10 9.78 4.16
CA ASN A 189 9.36 9.43 5.55
C ASN A 189 9.87 8.00 5.70
N THR A 190 10.54 7.73 6.82
CA THR A 190 10.86 6.35 7.14
C THR A 190 9.57 5.69 7.49
N GLU A 191 9.21 4.66 6.72
CA GLU A 191 7.97 3.93 6.98
C GLU A 191 8.31 2.75 7.91
N GLN A 192 7.30 2.01 8.35
CA GLN A 192 7.49 0.93 9.28
C GLN A 192 6.60 -0.25 8.92
N ALA A 193 7.16 -1.45 9.08
CA ALA A 193 6.35 -2.66 9.03
C ALA A 193 7.09 -3.79 9.74
N ALA A 194 6.49 -4.98 9.75
CA ALA A 194 7.02 -6.12 10.51
C ALA A 194 7.96 -6.93 9.63
N PHE A 195 9.12 -6.35 9.34
CA PHE A 195 10.20 -7.03 8.64
C PHE A 195 10.96 -7.96 9.61
N VAL A 196 11.05 -9.24 9.28
CA VAL A 196 11.82 -10.19 10.07
C VAL A 196 13.23 -9.69 10.36
N VAL A 197 13.96 -9.18 9.34
CA VAL A 197 15.36 -8.81 9.55
C VAL A 197 15.51 -7.58 10.44
N LEU A 198 14.37 -6.98 10.86
CA LEU A 198 14.44 -5.85 11.79
C LEU A 198 14.09 -6.26 13.21
N LYS A 199 14.19 -7.56 13.53
CA LYS A 199 13.74 -8.08 14.81
C LYS A 199 14.74 -7.95 15.97
N SER A 200 15.87 -7.26 15.78
CA SER A 200 16.82 -7.14 16.87
C SER A 200 16.27 -6.20 17.93
N PRO A 201 16.25 -6.63 19.20
CA PRO A 201 15.74 -5.81 20.29
C PRO A 201 16.56 -4.57 20.62
N SER A 202 17.87 -4.61 20.31
CA SER A 202 18.85 -3.69 20.86
C SER A 202 19.63 -2.99 19.77
N VAL A 203 19.86 -3.66 18.62
CA VAL A 203 20.59 -3.05 17.52
C VAL A 203 19.65 -2.24 16.64
N PRO A 204 19.82 -0.91 16.52
CA PRO A 204 19.06 -0.12 15.53
C PRO A 204 19.23 -0.73 14.14
N SER A 205 18.09 -1.01 13.51
CA SER A 205 18.05 -1.75 12.26
C SER A 205 17.12 -1.03 11.27
N VAL A 206 17.55 -0.92 10.02
CA VAL A 206 16.69 -0.48 8.95
C VAL A 206 16.88 -1.37 7.73
N LEU A 207 15.84 -1.40 6.89
CA LEU A 207 15.92 -1.98 5.57
C LEU A 207 15.78 -0.86 4.54
N VAL A 208 16.73 -0.79 3.61
CA VAL A 208 16.78 0.23 2.60
C VAL A 208 16.41 -0.38 1.26
N GLU A 209 15.36 0.16 0.62
CA GLU A 209 15.07 -0.17 -0.76
C GLU A 209 15.71 0.92 -1.59
N THR A 210 16.68 0.53 -2.42
CA THR A 210 17.44 1.43 -3.26
C THR A 210 16.64 1.91 -4.47
N SER A 211 15.61 1.14 -4.85
CA SER A 211 14.71 1.40 -5.96
C SER A 211 13.76 0.20 -6.05
N PHE A 212 12.91 0.20 -7.07
CA PHE A 212 12.16 -0.97 -7.48
C PHE A 212 12.80 -1.53 -8.74
N ILE A 213 13.35 -2.74 -8.65
CA ILE A 213 14.00 -3.30 -9.82
C ILE A 213 12.97 -3.55 -10.91
N THR A 214 11.68 -3.57 -10.54
CA THR A 214 10.57 -3.91 -11.44
C THR A 214 10.18 -2.69 -12.29
N ASN A 215 10.72 -1.53 -11.96
CA ASN A 215 10.53 -0.32 -12.74
C ASN A 215 11.64 -0.29 -13.78
N PRO A 216 11.32 -0.32 -15.10
CA PRO A 216 12.35 -0.39 -16.14
C PRO A 216 13.46 0.67 -16.07
N GLU A 217 13.10 1.90 -15.74
CA GLU A 217 14.08 2.96 -15.65
C GLU A 217 15.03 2.70 -14.48
N GLU A 218 14.46 2.37 -13.32
CA GLU A 218 15.29 2.08 -12.16
C GLU A 218 16.17 0.83 -12.32
N GLU A 219 15.67 -0.22 -12.97
CA GLU A 219 16.50 -1.36 -13.36
C GLU A 219 17.72 -0.92 -14.19
N ARG A 220 17.50 -0.01 -15.16
CA ARG A 220 18.56 0.49 -16.00
C ARG A 220 19.58 1.22 -15.14
N LEU A 221 19.08 2.07 -14.23
CA LEU A 221 19.98 2.83 -13.38
C LEU A 221 20.81 1.90 -12.48
N LEU A 222 20.13 0.86 -11.96
CA LEU A 222 20.74 -0.10 -11.07
C LEU A 222 21.82 -0.87 -11.81
N GLY A 223 21.68 -0.93 -13.14
CA GLY A 223 22.66 -1.56 -14.00
C GLY A 223 23.89 -0.70 -14.27
N THR A 224 24.01 0.50 -13.69
CA THR A 224 25.14 1.36 -13.97
C THR A 224 25.99 1.53 -12.71
N ALA A 225 27.32 1.47 -12.89
CA ALA A 225 28.26 1.67 -11.81
C ALA A 225 28.03 3.02 -11.15
N ALA A 226 27.76 4.07 -11.95
CA ALA A 226 27.67 5.41 -11.41
C ALA A 226 26.53 5.55 -10.42
N PHE A 227 25.37 5.02 -10.80
CA PHE A 227 24.20 5.06 -9.94
C PHE A 227 24.42 4.22 -8.67
N ARG A 228 24.95 3.00 -8.82
CA ARG A 228 25.20 2.17 -7.64
C ARG A 228 26.11 2.90 -6.67
N GLN A 229 27.11 3.63 -7.21
CA GLN A 229 28.06 4.38 -6.41
C GLN A 229 27.39 5.57 -5.74
N LYS A 230 26.57 6.31 -6.50
CA LYS A 230 25.83 7.44 -5.96
C LYS A 230 24.92 7.00 -4.81
N ILE A 231 24.14 5.94 -5.02
CA ILE A 231 23.27 5.40 -3.99
C ILE A 231 24.06 4.94 -2.77
N ALA A 232 25.16 4.20 -2.98
CA ALA A 232 25.99 3.74 -1.87
C ALA A 232 26.60 4.91 -1.09
N THR A 233 26.88 6.01 -1.81
CA THR A 233 27.50 7.16 -1.19
C THR A 233 26.49 7.82 -0.26
N ALA A 234 25.25 7.92 -0.76
CA ALA A 234 24.16 8.53 -0.02
C ALA A 234 23.85 7.69 1.23
N ILE A 235 23.79 6.38 1.08
CA ILE A 235 23.62 5.53 2.25
C ILE A 235 24.73 5.73 3.29
N ALA A 236 26.00 5.74 2.87
CA ALA A 236 27.11 5.87 3.83
C ALA A 236 27.12 7.24 4.52
N GLU A 237 26.86 8.31 3.76
CA GLU A 237 26.70 9.64 4.34
C GLU A 237 25.60 9.62 5.40
N GLY A 238 24.51 8.89 5.10
CA GLY A 238 23.42 8.76 6.05
C GLY A 238 23.86 8.11 7.36
N VAL A 239 24.60 7.01 7.26
CA VAL A 239 25.12 6.33 8.43
C VAL A 239 26.02 7.29 9.21
N ILE A 240 26.92 7.97 8.49
CA ILE A 240 27.90 8.81 9.15
C ILE A 240 27.19 9.96 9.83
N SER A 241 26.25 10.58 9.13
CA SER A 241 25.45 11.66 9.68
C SER A 241 24.74 11.19 10.94
N TYR A 242 24.19 9.97 10.90
CA TYR A 242 23.50 9.39 12.04
C TYR A 242 24.45 9.25 13.22
N PHE A 243 25.68 8.79 12.99
CA PHE A 243 26.58 8.60 14.12
C PHE A 243 26.95 9.96 14.73
N HIS A 244 27.04 11.00 13.87
CA HIS A 244 27.34 12.34 14.33
C HIS A 244 26.24 12.83 15.26
N TRP A 245 24.99 12.73 14.81
CA TRP A 245 23.83 13.09 15.61
C TRP A 245 23.86 12.33 16.93
N PHE A 246 24.17 11.04 16.86
CA PHE A 246 24.08 10.18 18.03
C PHE A 246 25.07 10.68 19.08
N ASP A 247 26.27 11.07 18.64
CA ASP A 247 27.36 11.40 19.55
C ASP A 247 27.10 12.75 20.23
N ASN A 248 26.57 13.71 19.48
CA ASN A 248 26.06 14.94 20.07
C ASN A 248 24.82 14.63 20.92
N GLN A 249 24.21 13.47 20.68
CA GLN A 249 22.97 13.05 21.32
C GLN A 249 21.79 13.77 20.66
N LYS B 23 -33.90 10.32 -19.05
CA LYS B 23 -33.25 10.60 -17.73
C LYS B 23 -31.98 9.76 -17.61
N ARG B 24 -30.91 10.35 -17.05
CA ARG B 24 -29.67 9.64 -16.81
C ARG B 24 -29.79 8.82 -15.53
N VAL B 25 -29.34 7.58 -15.54
CA VAL B 25 -29.50 6.68 -14.40
C VAL B 25 -28.14 6.43 -13.74
N VAL B 26 -28.10 6.67 -12.43
CA VAL B 26 -26.92 6.48 -11.62
C VAL B 26 -27.26 5.48 -10.51
N VAL B 27 -26.46 4.43 -10.34
CA VAL B 27 -26.71 3.50 -9.25
C VAL B 27 -25.62 3.68 -8.20
N LEU B 28 -26.03 3.96 -6.97
CA LEU B 28 -25.15 4.17 -5.83
C LEU B 28 -25.21 2.94 -4.92
N ASP B 29 -24.06 2.38 -4.61
CA ASP B 29 -23.96 1.19 -3.78
C ASP B 29 -23.36 1.57 -2.43
N PRO B 30 -24.15 1.72 -1.36
CA PRO B 30 -23.61 1.96 -0.03
C PRO B 30 -22.97 0.66 0.48
N GLY B 31 -21.67 0.72 0.73
CA GLY B 31 -20.91 -0.48 1.00
C GLY B 31 -21.35 -1.17 2.27
N HIS B 32 -21.12 -2.49 2.33
CA HIS B 32 -21.45 -3.25 3.53
C HIS B 32 -22.97 -3.18 3.78
N GLY B 33 -23.38 -3.53 5.00
CA GLY B 33 -24.80 -3.64 5.29
C GLY B 33 -25.15 -4.89 6.09
N GLY B 34 -26.07 -4.75 7.05
CA GLY B 34 -26.53 -5.88 7.83
C GLY B 34 -25.39 -6.49 8.64
N ILE B 35 -25.11 -7.78 8.42
CA ILE B 35 -24.16 -8.54 9.23
C ILE B 35 -22.78 -7.93 9.03
N ASP B 36 -22.55 -7.36 7.82
CA ASP B 36 -21.27 -6.76 7.47
C ASP B 36 -21.26 -5.29 7.89
N THR B 37 -20.57 -5.03 8.99
CA THR B 37 -20.44 -3.70 9.57
C THR B 37 -19.52 -2.82 8.75
N GLY B 38 -18.69 -3.44 7.88
CA GLY B 38 -17.48 -2.81 7.34
C GLY B 38 -16.47 -2.46 8.45
N ALA B 39 -15.56 -1.53 8.16
CA ALA B 39 -14.56 -1.10 9.10
C ALA B 39 -15.21 -0.40 10.27
N ILE B 40 -14.53 -0.49 11.42
CA ILE B 40 -14.92 0.14 12.67
C ILE B 40 -13.88 1.16 13.10
N GLY B 41 -14.29 2.37 13.45
CA GLY B 41 -13.35 3.38 13.90
C GLY B 41 -12.86 3.11 15.32
N ARG B 42 -11.88 3.92 15.74
CA ARG B 42 -11.30 3.81 17.06
C ARG B 42 -12.40 4.03 18.09
N ASN B 43 -13.39 4.90 17.81
CA ASN B 43 -14.45 5.13 18.78
C ASN B 43 -15.73 4.36 18.45
N GLY B 44 -15.63 3.29 17.65
CA GLY B 44 -16.73 2.37 17.49
C GLY B 44 -17.71 2.70 16.33
N SER B 45 -17.52 3.82 15.58
CA SER B 45 -18.36 4.08 14.40
C SER B 45 -18.27 2.89 13.43
N LYS B 46 -19.38 2.58 12.75
CA LYS B 46 -19.43 1.54 11.72
C LYS B 46 -19.54 2.18 10.34
N GLU B 47 -18.64 1.73 9.45
CA GLU B 47 -18.61 2.15 8.06
C GLU B 47 -20.00 2.08 7.45
N LYS B 48 -20.73 0.98 7.70
CA LYS B 48 -21.95 0.69 6.97
C LYS B 48 -23.01 1.78 7.18
N HIS B 49 -23.04 2.41 8.37
CA HIS B 49 -24.07 3.40 8.69
C HIS B 49 -23.69 4.77 8.10
N VAL B 50 -22.43 5.09 8.21
CA VAL B 50 -21.81 6.28 7.64
C VAL B 50 -21.99 6.35 6.11
N VAL B 51 -21.70 5.26 5.40
CA VAL B 51 -21.80 5.30 3.94
C VAL B 51 -23.24 5.25 3.44
N LEU B 52 -24.17 4.65 4.20
CA LEU B 52 -25.57 4.74 3.83
C LEU B 52 -26.04 6.21 3.87
N ALA B 53 -25.63 6.95 4.92
CA ALA B 53 -26.03 8.34 5.08
C ALA B 53 -25.47 9.19 3.93
N ILE B 54 -24.21 8.97 3.57
CA ILE B 54 -23.58 9.71 2.50
C ILE B 54 -24.25 9.40 1.16
N ALA B 55 -24.49 8.10 0.94
CA ALA B 55 -25.10 7.65 -0.29
C ALA B 55 -26.48 8.29 -0.47
N LYS B 56 -27.29 8.30 0.61
CA LYS B 56 -28.59 8.93 0.54
C LYS B 56 -28.46 10.41 0.14
N ASN B 57 -27.47 11.12 0.69
CA ASN B 57 -27.31 12.52 0.38
C ASN B 57 -26.97 12.69 -1.10
N VAL B 58 -26.07 11.85 -1.63
CA VAL B 58 -25.71 11.93 -3.04
C VAL B 58 -26.96 11.73 -3.90
N ARG B 59 -27.79 10.75 -3.51
CA ARG B 59 -29.01 10.46 -4.25
C ARG B 59 -29.87 11.71 -4.37
N SER B 60 -30.11 12.35 -3.23
CA SER B 60 -30.95 13.53 -3.15
C SER B 60 -30.43 14.63 -4.05
N ILE B 61 -29.14 14.94 -3.95
CA ILE B 61 -28.59 15.99 -4.78
C ILE B 61 -28.77 15.65 -6.28
N LEU B 62 -28.48 14.42 -6.69
CA LEU B 62 -28.63 14.06 -8.09
C LEU B 62 -30.11 14.14 -8.52
N ARG B 63 -31.02 13.74 -7.66
CA ARG B 63 -32.42 13.77 -8.03
C ARG B 63 -32.94 15.22 -8.07
N ASN B 64 -32.45 16.07 -7.16
N ASN B 64 -32.47 16.07 -7.14
CA ASN B 64 -32.82 17.48 -7.15
CA ASN B 64 -32.81 17.48 -7.17
C ASN B 64 -32.47 18.12 -8.49
C ASN B 64 -32.61 17.95 -8.61
N HIS B 65 -31.45 17.58 -9.18
CA HIS B 65 -31.05 18.10 -10.46
C HIS B 65 -31.47 17.20 -11.62
N GLY B 66 -32.39 16.28 -11.39
CA GLY B 66 -33.03 15.58 -12.52
C GLY B 66 -32.27 14.37 -13.04
N ILE B 67 -31.37 13.80 -12.23
CA ILE B 67 -30.76 12.50 -12.51
C ILE B 67 -31.43 11.40 -11.71
N ASP B 68 -31.77 10.31 -12.39
CA ASP B 68 -32.42 9.18 -11.76
C ASP B 68 -31.38 8.37 -11.00
N ALA B 69 -31.17 8.71 -9.73
CA ALA B 69 -30.23 8.02 -8.88
C ALA B 69 -30.94 7.00 -7.98
N ARG B 70 -30.41 5.79 -7.91
CA ARG B 70 -31.03 4.72 -7.12
C ARG B 70 -29.97 4.05 -6.27
N LEU B 71 -30.40 3.49 -5.13
CA LEU B 71 -29.55 2.78 -4.19
C LEU B 71 -29.65 1.26 -4.38
N THR B 72 -28.53 0.55 -4.21
CA THR B 72 -28.55 -0.89 -4.09
C THR B 72 -29.25 -1.32 -2.80
N ARG B 73 -29.28 -0.44 -1.78
CA ARG B 73 -30.04 -0.72 -0.56
C ARG B 73 -30.39 0.60 0.10
N SER B 74 -31.59 0.68 0.69
N SER B 74 -31.62 0.67 0.66
CA SER B 74 -32.02 1.89 1.36
CA SER B 74 -32.12 1.85 1.38
C SER B 74 -32.10 1.67 2.86
C SER B 74 -31.91 1.71 2.88
N GLY B 75 -31.76 0.47 3.35
CA GLY B 75 -31.71 0.18 4.76
C GLY B 75 -30.51 -0.67 5.13
N ASP B 76 -30.50 -1.16 6.35
CA ASP B 76 -29.33 -1.86 6.86
C ASP B 76 -29.44 -3.35 6.53
N THR B 77 -29.15 -3.69 5.26
CA THR B 77 -29.25 -5.05 4.76
C THR B 77 -27.95 -5.48 4.08
N PHE B 78 -27.67 -6.77 4.19
CA PHE B 78 -26.55 -7.38 3.51
C PHE B 78 -26.88 -7.59 2.04
N ILE B 79 -25.90 -7.37 1.16
CA ILE B 79 -26.00 -7.69 -0.23
C ILE B 79 -24.69 -8.32 -0.68
N PRO B 80 -24.72 -9.46 -1.41
CA PRO B 80 -23.50 -10.04 -1.99
C PRO B 80 -22.87 -9.09 -3.00
N LEU B 81 -21.55 -9.16 -3.11
CA LEU B 81 -20.82 -8.23 -3.96
C LEU B 81 -21.37 -8.23 -5.39
N TYR B 82 -21.60 -9.40 -6.00
CA TYR B 82 -21.96 -9.43 -7.41
C TYR B 82 -23.39 -8.93 -7.55
N ASP B 83 -24.22 -9.23 -6.54
CA ASP B 83 -25.61 -8.80 -6.55
C ASP B 83 -25.70 -7.28 -6.73
N ARG B 84 -24.75 -6.55 -6.12
CA ARG B 84 -24.68 -5.10 -6.23
C ARG B 84 -24.51 -4.69 -7.69
N VAL B 85 -23.61 -5.39 -8.41
CA VAL B 85 -23.41 -5.14 -9.83
C VAL B 85 -24.66 -5.52 -10.63
N GLU B 86 -25.27 -6.65 -10.30
CA GLU B 86 -26.44 -7.06 -11.05
C GLU B 86 -27.54 -6.01 -10.86
N ILE B 87 -27.64 -5.38 -9.67
CA ILE B 87 -28.65 -4.35 -9.44
C ILE B 87 -28.40 -3.18 -10.39
N ALA B 88 -27.14 -2.80 -10.61
CA ALA B 88 -26.86 -1.74 -11.56
C ALA B 88 -27.35 -2.11 -12.96
N HIS B 89 -27.10 -3.36 -13.36
CA HIS B 89 -27.53 -3.85 -14.66
C HIS B 89 -29.06 -3.85 -14.78
N LYS B 90 -29.79 -4.32 -13.74
CA LYS B 90 -31.26 -4.34 -13.80
C LYS B 90 -31.83 -2.93 -14.03
N HIS B 91 -31.24 -1.90 -13.41
CA HIS B 91 -31.79 -0.55 -13.46
C HIS B 91 -31.37 0.16 -14.74
N GLY B 92 -30.50 -0.46 -15.53
CA GLY B 92 -30.06 0.12 -16.79
C GLY B 92 -29.12 1.30 -16.58
N ALA B 93 -28.23 1.20 -15.58
CA ALA B 93 -27.44 2.33 -15.11
C ALA B 93 -26.48 2.82 -16.19
N ASP B 94 -26.34 4.15 -16.28
CA ASP B 94 -25.34 4.79 -17.11
C ASP B 94 -24.03 4.86 -16.34
N LEU B 95 -24.12 4.68 -15.02
CA LEU B 95 -23.00 4.92 -14.12
C LEU B 95 -23.23 4.19 -12.80
N PHE B 96 -22.17 3.58 -12.23
CA PHE B 96 -22.28 2.88 -10.95
C PHE B 96 -21.17 3.35 -10.01
N MET B 97 -21.52 3.58 -8.75
CA MET B 97 -20.56 4.07 -7.77
C MET B 97 -20.77 3.41 -6.41
N SER B 98 -19.76 2.70 -5.92
CA SER B 98 -19.74 2.13 -4.57
C SER B 98 -19.10 3.13 -3.60
N ILE B 99 -19.74 3.39 -2.46
CA ILE B 99 -19.30 4.40 -1.51
C ILE B 99 -18.91 3.72 -0.20
N HIS B 100 -17.65 3.92 0.20
CA HIS B 100 -17.08 3.21 1.33
C HIS B 100 -16.38 4.24 2.22
N ALA B 101 -15.90 3.72 3.37
CA ALA B 101 -15.11 4.49 4.31
C ALA B 101 -14.35 3.47 5.12
N ASP B 102 -13.39 2.80 4.47
CA ASP B 102 -12.86 1.56 5.01
C ASP B 102 -11.60 1.86 5.85
N GLY B 103 -10.86 0.82 6.23
CA GLY B 103 -9.81 0.95 7.24
C GLY B 103 -8.41 0.55 6.74
N PHE B 104 -7.40 1.07 7.46
CA PHE B 104 -6.00 0.70 7.37
C PHE B 104 -5.40 0.53 8.78
N THR B 105 -4.28 -0.22 8.87
CA THR B 105 -3.66 -0.60 10.13
C THR B 105 -2.90 0.58 10.75
N ASN B 106 -2.70 1.65 10.00
CA ASN B 106 -2.12 2.86 10.54
C ASN B 106 -3.20 3.93 10.66
N PRO B 107 -3.49 4.39 11.90
CA PRO B 107 -4.51 5.40 12.15
C PRO B 107 -4.22 6.74 11.50
N LYS B 108 -3.04 6.94 10.94
CA LYS B 108 -2.74 8.22 10.33
C LYS B 108 -3.09 8.17 8.84
N ALA B 109 -3.27 6.97 8.26
CA ALA B 109 -3.81 6.88 6.91
C ALA B 109 -5.10 7.71 6.84
N ALA B 110 -5.20 8.53 5.80
CA ALA B 110 -6.24 9.52 5.73
C ALA B 110 -6.43 9.97 4.29
N GLY B 111 -7.61 10.55 4.06
CA GLY B 111 -7.97 11.19 2.80
C GLY B 111 -8.81 10.22 1.98
N ALA B 112 -9.43 10.80 0.94
CA ALA B 112 -10.34 10.14 0.02
C ALA B 112 -9.57 9.54 -1.14
N SER B 113 -10.14 8.47 -1.74
CA SER B 113 -9.57 7.77 -2.89
C SER B 113 -10.70 7.41 -3.83
N VAL B 114 -10.36 7.26 -5.11
CA VAL B 114 -11.28 6.67 -6.07
C VAL B 114 -10.53 5.61 -6.83
N PHE B 115 -11.23 4.49 -7.10
CA PHE B 115 -10.67 3.31 -7.74
C PHE B 115 -11.57 2.90 -8.90
N ALA B 116 -10.92 2.42 -9.98
CA ALA B 116 -11.57 1.75 -11.10
C ALA B 116 -11.03 0.32 -11.17
N LEU B 117 -11.67 -0.51 -11.98
CA LEU B 117 -11.24 -1.87 -12.23
C LEU B 117 -9.88 -1.91 -12.93
N SER B 118 -9.08 -2.92 -12.57
CA SER B 118 -8.02 -3.43 -13.41
C SER B 118 -8.10 -4.96 -13.45
N ASN B 119 -7.88 -5.52 -14.66
CA ASN B 119 -7.84 -6.97 -14.83
C ASN B 119 -6.41 -7.50 -14.80
N ARG B 120 -5.44 -6.58 -14.82
CA ARG B 120 -4.02 -6.91 -14.82
C ARG B 120 -3.49 -7.05 -13.39
N GLY B 121 -4.00 -6.23 -12.46
CA GLY B 121 -3.52 -6.17 -11.10
C GLY B 121 -3.46 -4.74 -10.57
N ALA B 122 -3.20 -4.65 -9.27
CA ALA B 122 -3.29 -3.39 -8.53
C ALA B 122 -2.36 -2.33 -9.12
N SER B 123 -2.78 -1.07 -9.10
CA SER B 123 -1.95 0.03 -9.55
C SER B 123 -1.07 0.54 -8.41
N SER B 124 -1.56 0.41 -7.17
CA SER B 124 -0.85 0.91 -6.00
C SER B 124 -0.96 -0.13 -4.90
N ALA B 125 -0.05 -0.03 -3.91
CA ALA B 125 -0.12 -0.91 -2.76
C ALA B 125 -1.45 -0.73 -2.04
N MET B 126 -1.96 0.52 -1.97
CA MET B 126 -3.17 0.76 -1.20
C MET B 126 -4.38 0.19 -1.95
N ALA B 127 -4.36 0.25 -3.30
CA ALA B 127 -5.40 -0.41 -4.10
C ALA B 127 -5.39 -1.92 -3.87
N LYS B 128 -4.21 -2.50 -3.72
CA LYS B 128 -4.15 -3.94 -3.53
C LYS B 128 -4.71 -4.28 -2.17
N TYR B 129 -4.29 -3.53 -1.14
CA TYR B 129 -4.78 -3.72 0.22
C TYR B 129 -6.32 -3.63 0.30
N LEU B 130 -6.88 -2.56 -0.26
CA LEU B 130 -8.31 -2.28 -0.07
C LEU B 130 -9.16 -3.19 -0.95
N SER B 131 -8.71 -3.51 -2.18
CA SER B 131 -9.45 -4.49 -2.96
C SER B 131 -9.55 -5.83 -2.26
N GLU B 132 -8.50 -6.28 -1.55
CA GLU B 132 -8.60 -7.55 -0.82
C GLU B 132 -9.51 -7.40 0.39
N ARG B 133 -9.33 -6.35 1.18
CA ARG B 133 -10.20 -6.09 2.31
C ARG B 133 -11.66 -5.96 1.85
N GLU B 134 -11.93 -5.18 0.78
CA GLU B 134 -13.31 -4.98 0.35
C GLU B 134 -13.85 -6.29 -0.22
N ASN B 135 -13.02 -7.00 -0.99
CA ASN B 135 -13.49 -8.19 -1.65
C ASN B 135 -13.82 -9.33 -0.68
N ARG B 136 -13.35 -9.27 0.58
CA ARG B 136 -13.64 -10.29 1.58
C ARG B 136 -15.02 -10.12 2.25
N ALA B 137 -15.78 -9.08 1.88
CA ALA B 137 -17.05 -8.79 2.51
C ALA B 137 -18.03 -9.97 2.38
N ASP B 138 -17.97 -10.71 1.27
CA ASP B 138 -18.85 -11.85 1.06
C ASP B 138 -18.57 -12.96 2.08
N GLU B 139 -17.37 -12.97 2.67
CA GLU B 139 -17.02 -14.03 3.60
C GLU B 139 -17.66 -13.81 4.97
N VAL B 140 -18.04 -12.57 5.28
CA VAL B 140 -18.68 -12.28 6.56
C VAL B 140 -19.98 -13.08 6.61
N ALA B 141 -20.57 -13.29 5.43
CA ALA B 141 -21.81 -14.02 5.27
C ALA B 141 -21.53 -15.48 4.88
N GLY B 142 -20.41 -16.01 5.36
CA GLY B 142 -20.07 -17.43 5.26
C GLY B 142 -19.93 -17.95 3.83
N LYS B 143 -19.35 -17.16 2.91
CA LYS B 143 -19.13 -17.62 1.54
C LYS B 143 -17.84 -18.43 1.42
N LYS B 144 -16.72 -17.82 1.81
CA LYS B 144 -15.39 -18.42 1.72
C LYS B 144 -14.95 -18.44 0.24
N ALA B 145 -14.24 -19.49 -0.20
CA ALA B 145 -13.56 -19.47 -1.49
C ALA B 145 -14.22 -20.42 -2.49
N THR B 146 -15.47 -20.14 -2.88
CA THR B 146 -16.22 -20.95 -3.84
C THR B 146 -15.74 -20.63 -5.25
N ASP B 147 -16.10 -21.48 -6.23
CA ASP B 147 -15.58 -21.38 -7.60
C ASP B 147 -16.68 -21.07 -8.63
N LYS B 148 -17.97 -21.07 -8.21
CA LYS B 148 -19.04 -20.49 -9.02
C LYS B 148 -18.80 -18.98 -9.19
N ASP B 149 -18.26 -18.33 -8.15
CA ASP B 149 -17.80 -16.96 -8.19
C ASP B 149 -16.72 -16.80 -9.25
N HIS B 150 -15.76 -17.73 -9.27
CA HIS B 150 -14.64 -17.69 -10.20
C HIS B 150 -15.10 -17.92 -11.64
N LEU B 151 -16.12 -18.76 -11.85
CA LEU B 151 -16.69 -18.95 -13.18
C LEU B 151 -17.25 -17.63 -13.70
N LEU B 152 -17.98 -16.92 -12.84
CA LEU B 152 -18.60 -15.66 -13.21
C LEU B 152 -17.53 -14.59 -13.45
N GLN B 153 -16.39 -14.71 -12.76
CA GLN B 153 -15.24 -13.84 -13.00
C GLN B 153 -14.77 -13.93 -14.45
N GLN B 154 -14.57 -15.16 -14.96
CA GLN B 154 -14.03 -15.35 -16.30
C GLN B 154 -14.96 -14.70 -17.34
N VAL B 155 -16.27 -14.95 -17.17
CA VAL B 155 -17.32 -14.40 -18.02
C VAL B 155 -17.18 -12.88 -18.06
N LEU B 156 -17.13 -12.27 -16.87
CA LEU B 156 -17.13 -10.83 -16.70
C LEU B 156 -15.83 -10.22 -17.24
N PHE B 157 -14.68 -10.85 -17.01
CA PHE B 157 -13.43 -10.37 -17.60
C PHE B 157 -13.52 -10.43 -19.13
N ASP B 158 -14.12 -11.51 -19.64
CA ASP B 158 -14.22 -11.72 -21.07
C ASP B 158 -15.04 -10.58 -21.71
N LEU B 159 -16.01 -10.00 -20.98
CA LEU B 159 -16.89 -9.00 -21.58
C LEU B 159 -16.31 -7.57 -21.56
N VAL B 160 -15.33 -7.25 -20.70
CA VAL B 160 -15.11 -5.86 -20.33
C VAL B 160 -14.58 -5.06 -21.53
N GLN B 161 -15.23 -3.92 -21.86
CA GLN B 161 -14.71 -3.03 -22.88
C GLN B 161 -13.52 -2.26 -22.30
N THR B 162 -12.65 -1.76 -23.19
CA THR B 162 -11.58 -0.85 -22.78
C THR B 162 -12.22 0.49 -22.44
N ASP B 163 -13.18 0.91 -23.29
CA ASP B 163 -13.98 2.10 -23.07
C ASP B 163 -14.61 2.11 -21.67
N THR B 164 -15.09 0.97 -21.14
CA THR B 164 -15.68 0.96 -19.82
C THR B 164 -14.67 1.43 -18.77
N ILE B 165 -13.46 0.84 -18.81
CA ILE B 165 -12.44 1.11 -17.80
C ILE B 165 -11.93 2.52 -17.97
N LYS B 166 -11.67 2.90 -19.22
CA LYS B 166 -11.25 4.26 -19.58
C LYS B 166 -12.28 5.29 -19.09
N ASN B 167 -13.56 4.99 -19.27
CA ASN B 167 -14.62 5.89 -18.83
C ASN B 167 -14.71 5.93 -17.30
N SER B 168 -14.45 4.80 -16.61
CA SER B 168 -14.45 4.76 -15.17
C SER B 168 -13.31 5.62 -14.63
N LEU B 169 -12.12 5.56 -15.27
CA LEU B 169 -10.99 6.36 -14.85
C LEU B 169 -11.31 7.85 -14.97
N THR B 170 -11.98 8.23 -16.06
CA THR B 170 -12.34 9.61 -16.29
C THR B 170 -13.39 10.03 -15.27
N LEU B 171 -14.39 9.19 -15.05
CA LEU B 171 -15.34 9.47 -13.99
C LEU B 171 -14.58 9.77 -12.70
N GLY B 172 -13.62 8.88 -12.38
CA GLY B 172 -12.87 8.96 -11.14
C GLY B 172 -12.11 10.26 -11.01
N SER B 173 -11.49 10.73 -12.11
CA SER B 173 -10.77 11.99 -12.04
C SER B 173 -11.76 13.16 -11.91
N HIS B 174 -12.99 13.02 -12.42
CA HIS B 174 -13.97 14.06 -12.20
C HIS B 174 -14.36 14.16 -10.73
N ILE B 175 -14.45 13.02 -10.03
CA ILE B 175 -14.84 13.01 -8.64
C ILE B 175 -13.72 13.55 -7.77
N LEU B 176 -12.46 13.16 -8.06
CA LEU B 176 -11.32 13.63 -7.28
C LEU B 176 -11.16 15.15 -7.37
N LYS B 177 -11.32 15.67 -8.59
CA LYS B 177 -11.32 17.11 -8.86
C LYS B 177 -12.28 17.85 -7.90
N LYS B 178 -13.47 17.28 -7.63
CA LYS B 178 -14.45 17.99 -6.81
C LYS B 178 -14.20 17.76 -5.32
N ILE B 179 -13.61 16.62 -4.94
CA ILE B 179 -13.36 16.38 -3.54
C ILE B 179 -12.20 17.26 -3.09
N LYS B 180 -11.23 17.49 -3.99
CA LYS B 180 -9.93 18.04 -3.63
C LYS B 180 -10.06 19.35 -2.86
N PRO B 181 -10.81 20.37 -3.36
CA PRO B 181 -11.01 21.60 -2.59
C PRO B 181 -11.63 21.43 -1.21
N VAL B 182 -12.21 20.26 -0.92
CA VAL B 182 -13.12 20.11 0.20
C VAL B 182 -12.52 19.19 1.26
N HIS B 183 -11.71 18.22 0.84
CA HIS B 183 -11.16 17.22 1.75
C HIS B 183 -9.89 16.65 1.12
N LYS B 184 -8.96 16.27 1.99
CA LYS B 184 -7.70 15.62 1.65
C LYS B 184 -7.94 14.46 0.67
N LEU B 185 -7.12 14.34 -0.40
CA LEU B 185 -7.01 13.11 -1.18
C LEU B 185 -5.87 12.24 -0.65
N HIS B 186 -6.12 10.96 -0.42
CA HIS B 186 -5.04 10.07 -0.02
C HIS B 186 -4.15 9.82 -1.23
N SER B 187 -4.71 9.87 -2.43
CA SER B 187 -3.98 9.71 -3.66
C SER B 187 -4.64 10.60 -4.69
N ARG B 188 -3.82 11.33 -5.47
CA ARG B 188 -4.34 12.36 -6.34
C ARG B 188 -4.87 11.74 -7.63
N ASN B 189 -4.68 10.43 -7.83
CA ASN B 189 -5.12 9.83 -9.08
C ASN B 189 -6.11 8.72 -8.82
N THR B 190 -6.95 8.45 -9.83
CA THR B 190 -7.77 7.26 -9.76
C THR B 190 -6.85 6.06 -9.91
N GLU B 191 -6.82 5.21 -8.87
CA GLU B 191 -6.05 3.99 -8.88
C GLU B 191 -6.92 2.84 -9.38
N GLN B 192 -6.35 1.64 -9.55
CA GLN B 192 -7.09 0.48 -10.07
C GLN B 192 -6.73 -0.80 -9.32
N ALA B 193 -7.70 -1.70 -9.21
CA ALA B 193 -7.48 -3.04 -8.70
C ALA B 193 -8.74 -3.86 -9.03
N ALA B 194 -8.72 -5.13 -8.66
CA ALA B 194 -9.77 -6.06 -9.08
C ALA B 194 -10.80 -6.17 -7.97
N PHE B 195 -11.47 -5.04 -7.74
CA PHE B 195 -12.64 -4.94 -6.89
C PHE B 195 -13.80 -5.65 -7.56
N VAL B 196 -14.38 -6.65 -6.90
CA VAL B 196 -15.53 -7.36 -7.45
C VAL B 196 -16.65 -6.40 -7.88
N VAL B 197 -17.04 -5.43 -7.03
CA VAL B 197 -18.16 -4.54 -7.36
C VAL B 197 -17.87 -3.67 -8.58
N LEU B 198 -16.63 -3.70 -9.10
CA LEU B 198 -16.30 -2.90 -10.28
C LEU B 198 -16.25 -3.75 -11.55
N LYS B 199 -16.74 -4.98 -11.49
CA LYS B 199 -16.58 -5.93 -12.60
C LYS B 199 -17.64 -5.81 -13.69
N SER B 200 -18.51 -4.78 -13.70
CA SER B 200 -19.50 -4.63 -14.76
C SER B 200 -18.80 -4.36 -16.09
N PRO B 201 -19.08 -5.17 -17.14
CA PRO B 201 -18.44 -4.96 -18.44
C PRO B 201 -18.91 -3.75 -19.22
N SER B 202 -20.15 -3.27 -18.93
CA SER B 202 -20.77 -2.21 -19.73
C SER B 202 -20.93 -0.89 -18.97
N VAL B 203 -21.21 -0.96 -17.66
CA VAL B 203 -21.50 0.24 -16.88
C VAL B 203 -20.19 0.79 -16.31
N PRO B 204 -19.76 2.01 -16.67
CA PRO B 204 -18.63 2.66 -15.97
C PRO B 204 -18.84 2.70 -14.46
N SER B 205 -17.86 2.18 -13.72
CA SER B 205 -17.96 1.89 -12.30
C SER B 205 -16.75 2.42 -11.52
N VAL B 206 -16.98 3.04 -10.36
CA VAL B 206 -15.90 3.43 -9.47
C VAL B 206 -16.31 3.16 -8.03
N LEU B 207 -15.28 2.96 -7.20
CA LEU B 207 -15.46 2.82 -5.77
C LEU B 207 -14.79 4.02 -5.13
N VAL B 208 -15.54 4.72 -4.27
CA VAL B 208 -15.10 5.95 -3.63
C VAL B 208 -14.86 5.65 -2.17
N GLU B 209 -13.61 5.82 -1.73
CA GLU B 209 -13.33 5.83 -0.30
C GLU B 209 -13.45 7.29 0.12
N THR B 210 -14.42 7.60 0.98
CA THR B 210 -14.70 8.94 1.43
C THR B 210 -13.69 9.40 2.47
N SER B 211 -13.06 8.44 3.16
CA SER B 211 -12.07 8.66 4.20
C SER B 211 -11.61 7.29 4.68
N PHE B 212 -10.72 7.28 5.67
CA PHE B 212 -10.42 6.08 6.44
C PHE B 212 -11.06 6.19 7.83
N ILE B 213 -11.98 5.29 8.11
CA ILE B 213 -12.73 5.41 9.34
C ILE B 213 -11.79 5.10 10.50
N THR B 214 -10.62 4.51 10.19
CA THR B 214 -9.63 4.12 11.20
C THR B 214 -8.82 5.33 11.68
N ASN B 215 -8.89 6.46 10.95
CA ASN B 215 -8.30 7.72 11.32
C ASN B 215 -9.25 8.46 12.26
N PRO B 216 -8.87 8.70 13.53
CA PRO B 216 -9.76 9.33 14.50
C PRO B 216 -10.42 10.64 14.08
N GLU B 217 -9.66 11.50 13.40
CA GLU B 217 -10.18 12.79 12.95
C GLU B 217 -11.25 12.55 11.88
N GLU B 218 -10.97 11.67 10.91
CA GLU B 218 -11.94 11.41 9.85
C GLU B 218 -13.18 10.68 10.37
N GLU B 219 -13.04 9.73 11.33
CA GLU B 219 -14.19 9.20 12.04
C GLU B 219 -15.08 10.29 12.64
N ARG B 220 -14.47 11.29 13.29
CA ARG B 220 -15.20 12.41 13.84
C ARG B 220 -15.93 13.18 12.72
N LEU B 221 -15.23 13.46 11.62
CA LEU B 221 -15.85 14.20 10.53
C LEU B 221 -17.05 13.43 9.97
N LEU B 222 -16.87 12.10 9.85
CA LEU B 222 -17.88 11.21 9.30
C LEU B 222 -19.06 11.16 10.26
N GLY B 223 -18.85 11.54 11.52
CA GLY B 223 -19.90 11.69 12.51
C GLY B 223 -20.72 12.98 12.36
N THR B 224 -20.40 13.87 11.41
CA THR B 224 -21.11 15.15 11.34
C THR B 224 -21.91 15.25 10.04
N ALA B 225 -23.14 15.73 10.14
CA ALA B 225 -24.03 15.93 9.00
C ALA B 225 -23.37 16.83 7.96
N ALA B 226 -22.66 17.87 8.40
CA ALA B 226 -22.11 18.87 7.49
C ALA B 226 -21.06 18.25 6.57
N PHE B 227 -20.17 17.44 7.17
CA PHE B 227 -19.15 16.74 6.41
C PHE B 227 -19.77 15.77 5.41
N ARG B 228 -20.72 14.93 5.87
CA ARG B 228 -21.30 13.92 5.00
C ARG B 228 -21.95 14.61 3.80
N GLN B 229 -22.57 15.78 4.05
CA GLN B 229 -23.21 16.57 3.01
C GLN B 229 -22.18 17.16 2.04
N LYS B 230 -21.12 17.74 2.57
CA LYS B 230 -20.06 18.33 1.76
C LYS B 230 -19.41 17.28 0.86
N ILE B 231 -19.06 16.11 1.42
CA ILE B 231 -18.54 14.98 0.65
C ILE B 231 -19.52 14.54 -0.44
N ALA B 232 -20.79 14.37 -0.08
CA ALA B 232 -21.82 13.98 -1.01
C ALA B 232 -22.00 15.00 -2.14
N THR B 233 -21.81 16.27 -1.82
CA THR B 233 -22.00 17.34 -2.79
C THR B 233 -20.89 17.24 -3.83
N ALA B 234 -19.68 16.99 -3.34
CA ALA B 234 -18.50 16.85 -4.18
C ALA B 234 -18.66 15.64 -5.11
N ILE B 235 -19.08 14.52 -4.56
CA ILE B 235 -19.30 13.36 -5.38
C ILE B 235 -20.35 13.61 -6.47
N ALA B 236 -21.48 14.23 -6.11
CA ALA B 236 -22.56 14.46 -7.07
C ALA B 236 -22.14 15.42 -8.18
N GLU B 237 -21.40 16.47 -7.83
CA GLU B 237 -20.90 17.41 -8.83
C GLU B 237 -19.85 16.72 -9.70
N GLY B 238 -19.15 15.71 -9.15
CA GLY B 238 -18.26 14.90 -9.94
C GLY B 238 -19.01 14.12 -11.02
N VAL B 239 -20.13 13.51 -10.63
CA VAL B 239 -20.95 12.78 -11.57
C VAL B 239 -21.45 13.74 -12.64
N ILE B 240 -21.90 14.92 -12.21
CA ILE B 240 -22.50 15.88 -13.13
C ILE B 240 -21.44 16.31 -14.12
N SER B 241 -20.25 16.65 -13.59
CA SER B 241 -19.11 17.05 -14.38
C SER B 241 -18.76 15.98 -15.41
N TYR B 242 -18.75 14.72 -14.96
CA TYR B 242 -18.47 13.60 -15.82
C TYR B 242 -19.49 13.50 -16.96
N PHE B 243 -20.80 13.66 -16.67
CA PHE B 243 -21.78 13.52 -17.72
C PHE B 243 -21.57 14.62 -18.76
N HIS B 244 -21.16 15.81 -18.29
CA HIS B 244 -20.97 16.95 -19.17
C HIS B 244 -19.82 16.66 -20.14
N TRP B 245 -18.68 16.22 -19.59
CA TRP B 245 -17.55 15.77 -20.38
C TRP B 245 -17.99 14.72 -21.41
N PHE B 246 -18.80 13.75 -20.97
CA PHE B 246 -19.14 12.64 -21.81
C PHE B 246 -19.91 13.15 -23.02
N ASP B 247 -20.82 14.11 -22.81
CA ASP B 247 -21.70 14.58 -23.87
C ASP B 247 -20.94 15.48 -24.84
N ASN B 248 -19.82 16.07 -24.39
CA ASN B 248 -18.90 16.84 -25.25
C ASN B 248 -17.46 16.41 -24.96
#